data_3IST
#
_entry.id   3IST
#
_cell.length_a   66.420
_cell.length_b   66.420
_cell.length_c   258.774
_cell.angle_alpha   90.00
_cell.angle_beta   90.00
_cell.angle_gamma   90.00
#
_symmetry.space_group_name_H-M   'P 43 21 2'
#
loop_
_entity.id
_entity.type
_entity.pdbx_description
1 polymer 'Glutamate racemase'
2 non-polymer 'SUCCINIC ACID'
3 non-polymer 'CHLORIDE ION'
4 water water
#
_entity_poly.entity_id   1
_entity_poly.type   'polypeptide(L)'
_entity_poly.pdbx_seq_one_letter_code
;SNA(MSE)KQAIGFIDSGVGGLTVVREVLKQLPHEQVYYLGDTARCPYGPRDKEEVAKFTWE(MSE)TNFLVDRGIK
(MSE)LVIACNTATAAALYDIREKLDIPVIGVIQPGSRAALKATRNNKIGVLGTLGTVES(MSE)AYPTALKGLNRRVEV
DSLACPKFVSVVESGEYKSAIAKKVVAESLLPLKSTKIDTVILGCTHYPLLKPIIENF(MSE)GDGVAVINSGEETASEV
SALLDYHNLLDATDEEIEHRFFTTGSTQIFKDIAKDWLN(MSE)PD(MSE)TVEHIKLGK
;
_entity_poly.pdbx_strand_id   A,B
#
loop_
_chem_comp.id
_chem_comp.type
_chem_comp.name
_chem_comp.formula
CL non-polymer 'CHLORIDE ION' 'Cl -1'
SIN non-polymer 'SUCCINIC ACID' 'C4 H6 O4'
#
# COMPACT_ATOMS: atom_id res chain seq x y z
N SER A 1 -5.26 -22.97 -22.49
CA SER A 1 -4.07 -23.44 -21.73
C SER A 1 -3.89 -22.51 -20.53
N ASN A 2 -3.13 -22.95 -19.51
CA ASN A 2 -2.78 -22.12 -18.38
C ASN A 2 -1.28 -21.73 -18.42
N ALA A 3 -0.58 -22.09 -19.49
CA ALA A 3 0.88 -22.00 -19.55
C ALA A 3 1.40 -20.57 -19.45
N MSE A 4 0.60 -19.59 -19.87
CA MSE A 4 1.09 -18.24 -19.75
C MSE A 4 0.95 -17.69 -18.36
O MSE A 4 1.86 -16.98 -17.93
CB MSE A 4 0.49 -17.31 -20.82
CG MSE A 4 0.93 -17.83 -22.14
SE MSE A 4 0.77 -16.56 -23.55
CE MSE A 4 -1.23 -16.56 -23.66
N LYS A 5 -0.09 -18.08 -17.64
CA LYS A 5 -0.41 -17.50 -16.32
C LYS A 5 0.55 -18.13 -15.32
N GLN A 6 1.26 -17.32 -14.54
CA GLN A 6 2.03 -17.87 -13.46
C GLN A 6 1.37 -17.40 -12.22
N ALA A 7 1.34 -18.28 -11.22
CA ALA A 7 0.69 -17.99 -10.01
C ALA A 7 1.54 -17.13 -9.03
N ILE A 8 0.80 -16.43 -8.21
CA ILE A 8 1.35 -15.81 -6.99
C ILE A 8 1.20 -16.88 -5.92
N GLY A 9 2.31 -17.23 -5.26
CA GLY A 9 2.31 -18.17 -4.19
C GLY A 9 2.07 -17.55 -2.84
N PHE A 10 1.34 -18.31 -2.01
CA PHE A 10 1.09 -17.94 -0.65
C PHE A 10 1.35 -19.12 0.24
N ILE A 11 2.03 -18.87 1.33
CA ILE A 11 2.33 -19.90 2.34
C ILE A 11 1.96 -19.45 3.74
N ASP A 12 1.44 -20.40 4.50
CA ASP A 12 0.95 -20.14 5.85
C ASP A 12 0.82 -21.48 6.61
N SER A 13 0.66 -21.41 7.94
CA SER A 13 0.48 -22.60 8.71
C SER A 13 -0.91 -23.27 8.54
N GLY A 14 -1.88 -22.58 7.97
CA GLY A 14 -3.23 -23.11 7.89
C GLY A 14 -4.08 -22.21 7.05
N VAL A 15 -5.22 -21.79 7.62
CA VAL A 15 -6.16 -20.98 6.88
C VAL A 15 -5.90 -19.46 6.92
N GLY A 16 -5.03 -19.01 7.83
CA GLY A 16 -4.78 -17.58 8.04
C GLY A 16 -4.39 -16.81 6.77
N GLY A 17 -3.51 -17.40 5.95
CA GLY A 17 -3.15 -16.78 4.72
C GLY A 17 -4.27 -16.44 3.78
N LEU A 18 -5.42 -17.06 3.96
CA LEU A 18 -6.58 -16.74 3.15
C LEU A 18 -7.05 -15.29 3.32
N THR A 19 -6.74 -14.69 4.46
CA THR A 19 -7.07 -13.26 4.66
C THR A 19 -6.27 -12.35 3.75
N VAL A 20 -5.06 -12.77 3.31
CA VAL A 20 -4.38 -12.07 2.30
C VAL A 20 -4.94 -12.42 0.93
N VAL A 21 -5.24 -13.71 0.70
CA VAL A 21 -5.80 -14.13 -0.59
C VAL A 21 -7.06 -13.32 -0.95
N ARG A 22 -7.92 -13.16 0.03
CA ARG A 22 -9.18 -12.48 -0.20
C ARG A 22 -8.96 -11.09 -0.80
N GLU A 23 -7.96 -10.37 -0.29
CA GLU A 23 -7.71 -9.01 -0.79
C GLU A 23 -6.98 -9.06 -2.13
N VAL A 24 -6.15 -10.09 -2.38
CA VAL A 24 -5.61 -10.26 -3.72
C VAL A 24 -6.70 -10.52 -4.76
N LEU A 25 -7.69 -11.38 -4.46
CA LEU A 25 -8.78 -11.62 -5.37
C LEU A 25 -9.48 -10.31 -5.73
N LYS A 26 -9.53 -9.40 -4.77
CA LYS A 26 -10.24 -8.14 -4.97
C LYS A 26 -9.41 -7.14 -5.79
N GLN A 27 -8.17 -6.96 -5.37
CA GLN A 27 -7.29 -5.92 -5.95
C GLN A 27 -6.61 -6.34 -7.27
N LEU A 28 -6.41 -7.65 -7.46
CA LEU A 28 -5.76 -8.23 -8.62
C LEU A 28 -6.58 -9.39 -9.21
N PRO A 29 -7.76 -9.05 -9.75
CA PRO A 29 -8.71 -10.12 -10.13
C PRO A 29 -8.23 -11.00 -11.27
N HIS A 30 -7.20 -10.56 -12.01
CA HIS A 30 -6.64 -11.40 -13.09
C HIS A 30 -5.56 -12.37 -12.63
N GLU A 31 -5.15 -12.33 -11.35
CA GLU A 31 -4.00 -13.11 -10.92
C GLU A 31 -4.40 -14.47 -10.31
N GLN A 32 -3.66 -15.50 -10.65
CA GLN A 32 -3.90 -16.84 -10.15
C GLN A 32 -3.19 -17.01 -8.84
N VAL A 33 -3.85 -17.69 -7.91
CA VAL A 33 -3.33 -17.94 -6.59
C VAL A 33 -2.96 -19.44 -6.44
N TYR A 34 -1.74 -19.73 -5.95
CA TYR A 34 -1.39 -21.03 -5.46
C TYR A 34 -1.17 -20.84 -4.00
N TYR A 35 -1.86 -21.61 -3.19
CA TYR A 35 -1.85 -21.45 -1.75
C TYR A 35 -1.45 -22.73 -1.06
N LEU A 36 -0.58 -22.68 -0.06
CA LEU A 36 -0.31 -23.83 0.72
C LEU A 36 -0.42 -23.53 2.18
N GLY A 37 -1.34 -24.22 2.86
CA GLY A 37 -1.42 -24.14 4.31
C GLY A 37 -0.93 -25.41 4.94
N ASP A 38 0.01 -25.28 5.90
CA ASP A 38 0.62 -26.47 6.56
C ASP A 38 -0.15 -26.94 7.76
N THR A 39 -1.44 -27.20 7.55
CA THR A 39 -2.36 -27.51 8.62
C THR A 39 -1.90 -28.59 9.57
N ALA A 40 -1.20 -29.62 9.05
CA ALA A 40 -0.74 -30.70 9.88
C ALA A 40 0.19 -30.25 10.94
N ARG A 41 0.93 -29.19 10.71
CA ARG A 41 1.89 -28.69 11.65
C ARG A 41 1.51 -27.38 12.31
N CYS A 42 0.29 -26.92 12.07
CA CYS A 42 -0.24 -25.78 12.78
C CYS A 42 -0.54 -26.30 14.21
N PRO A 43 -0.17 -25.57 15.27
CA PRO A 43 0.28 -24.17 15.26
C PRO A 43 1.78 -24.04 15.10
N TYR A 44 2.15 -23.03 14.36
CA TYR A 44 3.53 -22.56 14.35
C TYR A 44 3.83 -21.67 15.56
N GLY A 45 2.79 -21.08 16.15
CA GLY A 45 2.93 -20.15 17.29
C GLY A 45 3.94 -20.49 18.36
N PRO A 46 3.94 -21.73 18.86
CA PRO A 46 4.83 -22.00 19.95
C PRO A 46 6.15 -22.65 19.48
N ARG A 47 6.41 -22.68 18.19
CA ARG A 47 7.61 -23.34 17.68
C ARG A 47 8.78 -22.39 17.72
N ASP A 48 9.99 -22.97 17.70
CA ASP A 48 11.21 -22.22 17.62
C ASP A 48 11.47 -21.62 16.24
N LYS A 49 12.13 -20.45 16.21
CA LYS A 49 12.47 -19.78 14.94
C LYS A 49 13.14 -20.72 13.91
N GLU A 50 14.14 -21.49 14.35
CA GLU A 50 14.88 -22.39 13.44
C GLU A 50 13.93 -23.37 12.76
N GLU A 51 13.06 -23.98 13.55
CA GLU A 51 12.06 -24.91 13.00
C GLU A 51 11.06 -24.22 12.07
N VAL A 52 10.51 -23.06 12.48
CA VAL A 52 9.61 -22.31 11.62
C VAL A 52 10.28 -22.02 10.28
N ALA A 53 11.55 -21.61 10.30
CA ALA A 53 12.21 -21.27 9.06
C ALA A 53 12.31 -22.53 8.19
N LYS A 54 12.66 -23.66 8.83
CA LYS A 54 12.80 -24.93 8.10
C LYS A 54 11.49 -25.31 7.39
N PHE A 55 10.38 -25.18 8.12
CA PHE A 55 9.08 -25.48 7.56
C PHE A 55 8.66 -24.50 6.44
N THR A 56 8.95 -23.24 6.69
CA THR A 56 8.71 -22.22 5.71
C THR A 56 9.46 -22.47 4.43
N TRP A 57 10.73 -22.87 4.53
CA TRP A 57 11.43 -23.26 3.34
C TRP A 57 10.83 -24.48 2.62
N GLU A 58 10.35 -25.47 3.37
CA GLU A 58 9.67 -26.65 2.77
C GLU A 58 8.45 -26.20 1.95
N MSE A 59 7.67 -25.26 2.50
CA MSE A 59 6.52 -24.77 1.79
C MSE A 59 6.95 -23.99 0.55
O MSE A 59 6.39 -24.11 -0.54
CB MSE A 59 5.64 -23.89 2.67
CG MSE A 59 5.07 -24.60 3.85
SE MSE A 59 3.52 -23.66 4.53
CE MSE A 59 4.59 -22.45 5.67
N THR A 60 7.99 -23.15 0.72
CA THR A 60 8.51 -22.34 -0.41
C THR A 60 8.98 -23.23 -1.56
N ASN A 61 9.79 -24.23 -1.23
CA ASN A 61 10.27 -25.17 -2.26
C ASN A 61 9.11 -25.86 -3.00
N PHE A 62 8.08 -26.23 -2.27
CA PHE A 62 6.91 -26.86 -2.91
C PHE A 62 6.30 -25.93 -3.94
N LEU A 63 6.06 -24.66 -3.59
CA LEU A 63 5.48 -23.73 -4.57
C LEU A 63 6.42 -23.27 -5.64
N VAL A 64 7.68 -23.08 -5.31
CA VAL A 64 8.65 -22.72 -6.35
C VAL A 64 8.72 -23.81 -7.40
N ASP A 65 8.64 -25.06 -6.97
CA ASP A 65 8.62 -26.19 -7.92
C ASP A 65 7.40 -26.15 -8.83
N ARG A 66 6.32 -25.54 -8.37
CA ARG A 66 5.11 -25.34 -9.19
C ARG A 66 5.10 -24.00 -9.97
N GLY A 67 6.19 -23.24 -9.98
CA GLY A 67 6.39 -22.22 -10.99
C GLY A 67 5.92 -20.82 -10.66
N ILE A 68 5.83 -20.52 -9.39
CA ILE A 68 5.21 -19.24 -8.98
C ILE A 68 6.09 -18.06 -9.37
N LYS A 69 5.48 -16.90 -9.56
CA LYS A 69 6.25 -15.71 -10.02
C LYS A 69 6.58 -14.73 -8.91
N MSE A 70 6.03 -14.98 -7.75
CA MSE A 70 6.15 -14.14 -6.55
C MSE A 70 5.67 -14.96 -5.39
O MSE A 70 4.76 -15.79 -5.51
CB MSE A 70 5.27 -12.88 -6.66
CG MSE A 70 5.36 -12.08 -5.41
SE MSE A 70 4.70 -10.25 -5.73
CE MSE A 70 5.10 -9.71 -3.90
N LEU A 71 6.22 -14.70 -4.22
CA LEU A 71 5.86 -15.43 -3.00
C LEU A 71 5.47 -14.44 -1.91
N VAL A 72 4.30 -14.70 -1.34
CA VAL A 72 3.83 -14.05 -0.13
C VAL A 72 3.90 -15.03 1.05
N ILE A 73 4.65 -14.64 2.03
CA ILE A 73 4.73 -15.36 3.30
C ILE A 73 3.60 -14.82 4.14
N ALA A 74 2.44 -15.49 4.05
CA ALA A 74 1.18 -14.95 4.54
C ALA A 74 0.97 -15.43 5.95
N CYS A 75 2.01 -15.28 6.76
CA CYS A 75 2.11 -15.94 8.08
C CYS A 75 3.11 -15.07 8.84
N ASN A 76 2.74 -14.62 10.04
CA ASN A 76 3.60 -13.68 10.80
C ASN A 76 4.87 -14.35 11.38
N THR A 77 4.73 -15.52 12.00
N THR A 77 4.74 -15.52 12.01
CA THR A 77 5.90 -16.21 12.55
CA THR A 77 5.94 -16.12 12.58
C THR A 77 6.89 -16.59 11.48
C THR A 77 6.89 -16.60 11.49
N ALA A 78 6.35 -17.08 10.35
CA ALA A 78 7.18 -17.41 9.17
C ALA A 78 7.90 -16.18 8.61
N THR A 79 7.20 -15.04 8.58
CA THR A 79 7.84 -13.79 8.11
C THR A 79 9.02 -13.44 9.00
N ALA A 80 8.80 -13.44 10.31
CA ALA A 80 9.84 -13.06 11.24
C ALA A 80 11.04 -14.03 11.15
N ALA A 81 10.73 -15.30 11.00
CA ALA A 81 11.77 -16.32 10.98
C ALA A 81 12.58 -16.41 9.74
N ALA A 82 11.98 -16.16 8.58
CA ALA A 82 12.62 -16.55 7.34
C ALA A 82 12.50 -15.60 6.17
N LEU A 83 11.79 -14.48 6.29
CA LEU A 83 11.59 -13.61 5.11
C LEU A 83 12.94 -13.21 4.51
N TYR A 84 13.83 -12.69 5.29
CA TYR A 84 15.07 -12.15 4.70
C TYR A 84 15.91 -13.22 4.01
N ASP A 85 16.00 -14.39 4.63
CA ASP A 85 16.73 -15.52 4.06
C ASP A 85 16.07 -15.92 2.71
N ILE A 86 14.74 -16.00 2.66
CA ILE A 86 14.07 -16.46 1.47
C ILE A 86 14.11 -15.41 0.37
N ARG A 87 13.92 -14.14 0.75
CA ARG A 87 14.06 -13.02 -0.17
C ARG A 87 15.46 -13.02 -0.80
N GLU A 88 16.45 -13.20 0.04
CA GLU A 88 17.83 -13.19 -0.43
C GLU A 88 18.11 -14.35 -1.42
N LYS A 89 17.74 -15.57 -1.07
CA LYS A 89 18.04 -16.74 -1.87
C LYS A 89 17.22 -16.93 -3.15
N LEU A 90 15.95 -16.52 -3.17
CA LEU A 90 15.14 -16.67 -4.38
C LEU A 90 15.39 -15.54 -5.32
N ASP A 91 15.01 -15.74 -6.56
CA ASP A 91 15.13 -14.71 -7.55
C ASP A 91 13.84 -13.91 -7.73
N ILE A 92 12.71 -14.53 -7.44
CA ILE A 92 11.42 -13.86 -7.52
C ILE A 92 11.18 -12.91 -6.35
N PRO A 93 10.22 -11.98 -6.51
CA PRO A 93 9.89 -11.13 -5.37
C PRO A 93 9.28 -11.93 -4.20
N VAL A 94 9.60 -11.54 -2.96
CA VAL A 94 9.15 -12.22 -1.76
C VAL A 94 8.77 -11.17 -0.75
N ILE A 95 7.52 -11.19 -0.25
CA ILE A 95 7.15 -10.33 0.86
C ILE A 95 6.48 -11.08 1.99
N GLY A 96 6.42 -10.44 3.19
CA GLY A 96 5.75 -10.94 4.35
C GLY A 96 4.62 -9.97 4.75
N VAL A 97 4.06 -10.22 5.90
CA VAL A 97 2.81 -9.52 6.31
C VAL A 97 3.06 -8.55 7.49
N ILE A 98 4.26 -8.53 8.05
CA ILE A 98 4.54 -7.68 9.25
C ILE A 98 4.69 -6.23 8.89
N GLN A 99 5.50 -5.96 7.87
CA GLN A 99 5.67 -4.57 7.39
C GLN A 99 4.37 -3.90 6.88
N PRO A 100 3.57 -4.61 6.06
CA PRO A 100 2.27 -4.04 5.70
C PRO A 100 1.35 -3.75 6.83
N GLY A 101 1.27 -4.63 7.84
CA GLY A 101 0.36 -4.37 8.95
C GLY A 101 0.89 -3.21 9.79
N SER A 102 2.21 -3.06 9.87
CA SER A 102 2.85 -1.91 10.54
C SER A 102 2.50 -0.60 9.84
N ARG A 103 2.59 -0.56 8.51
CA ARG A 103 2.26 0.63 7.83
C ARG A 103 0.78 0.96 8.02
N ALA A 104 -0.09 -0.05 7.91
CA ALA A 104 -1.54 0.21 8.06
C ALA A 104 -1.84 0.76 9.43
N ALA A 105 -1.21 0.20 10.44
CA ALA A 105 -1.50 0.61 11.79
C ALA A 105 -1.14 2.06 12.00
N LEU A 106 0.04 2.43 11.50
CA LEU A 106 0.50 3.79 11.69
C LEU A 106 -0.39 4.77 10.97
N LYS A 107 -0.99 4.39 9.83
CA LYS A 107 -1.91 5.22 9.12
C LYS A 107 -3.26 5.36 9.84
N ALA A 108 -3.65 4.36 10.61
CA ALA A 108 -4.96 4.35 11.27
C ALA A 108 -4.96 5.02 12.64
N THR A 109 -3.83 5.03 13.32
CA THR A 109 -3.76 5.53 14.67
C THR A 109 -3.95 7.05 14.72
N ARG A 110 -4.67 7.51 15.75
CA ARG A 110 -4.82 8.95 15.99
C ARG A 110 -3.94 9.41 17.13
N ASN A 111 -3.65 8.53 18.10
CA ASN A 111 -2.87 8.91 19.28
C ASN A 111 -1.49 8.23 19.38
N ASN A 112 -1.13 7.50 18.33
CA ASN A 112 0.12 6.70 18.22
C ASN A 112 0.28 5.71 19.36
N LYS A 113 -0.83 5.15 19.81
CA LYS A 113 -0.81 4.07 20.79
C LYS A 113 -1.39 2.81 20.14
N ILE A 114 -0.50 1.88 19.80
CA ILE A 114 -0.86 0.74 18.96
C ILE A 114 -0.75 -0.55 19.75
N GLY A 115 -1.78 -1.39 19.64
CA GLY A 115 -1.76 -2.72 20.20
C GLY A 115 -1.55 -3.77 19.12
N VAL A 116 -0.88 -4.86 19.46
CA VAL A 116 -0.63 -5.95 18.52
C VAL A 116 -1.12 -7.25 19.10
N LEU A 117 -1.94 -7.99 18.38
CA LEU A 117 -2.33 -9.33 18.83
C LEU A 117 -1.55 -10.32 18.01
N GLY A 118 -0.98 -11.30 18.65
CA GLY A 118 -0.33 -12.33 17.85
C GLY A 118 -0.08 -13.60 18.62
N THR A 119 0.68 -14.49 18.01
CA THR A 119 1.08 -15.72 18.67
C THR A 119 2.26 -15.51 19.66
N LEU A 120 2.49 -16.55 20.44
CA LEU A 120 3.63 -16.55 21.34
C LEU A 120 4.95 -16.23 20.67
N GLY A 121 5.18 -16.86 19.49
CA GLY A 121 6.43 -16.71 18.78
C GLY A 121 6.56 -15.32 18.14
N THR A 122 5.44 -14.77 17.67
CA THR A 122 5.41 -13.42 17.07
C THR A 122 5.68 -12.41 18.18
N VAL A 123 4.98 -12.55 19.29
CA VAL A 123 5.19 -11.65 20.43
C VAL A 123 6.67 -11.73 20.88
N GLU A 124 7.22 -12.92 21.03
CA GLU A 124 8.62 -13.06 21.49
C GLU A 124 9.62 -12.51 20.47
N SER A 125 9.35 -12.61 19.17
CA SER A 125 10.28 -12.09 18.21
C SER A 125 10.48 -10.55 18.30
N MSE A 126 9.50 -9.84 18.86
N MSE A 126 9.46 -9.87 18.82
CA MSE A 126 9.46 -8.36 18.90
CA MSE A 126 9.38 -8.39 18.87
C MSE A 126 9.44 -7.78 17.49
C MSE A 126 9.41 -7.79 17.50
O MSE A 126 9.71 -6.59 17.31
O MSE A 126 9.74 -6.60 17.34
CB MSE A 126 10.64 -7.77 19.70
CB MSE A 126 10.49 -7.81 19.72
CG MSE A 126 10.71 -8.15 21.17
CG MSE A 126 10.67 -8.53 21.01
SE MSE A 126 9.15 -7.55 22.23
SE MSE A 126 12.14 -7.76 21.97
CE MSE A 126 9.66 -5.73 22.71
CE MSE A 126 13.64 -8.42 20.89
N ALA A 127 9.04 -8.58 16.50
CA ALA A 127 9.06 -8.09 15.14
C ALA A 127 8.16 -6.87 14.92
N TYR A 128 6.98 -6.85 15.54
CA TYR A 128 6.11 -5.71 15.38
C TYR A 128 6.63 -4.42 16.03
N PRO A 129 7.01 -4.41 17.32
CA PRO A 129 7.58 -3.17 17.84
C PRO A 129 8.83 -2.71 17.10
N THR A 130 9.65 -3.65 16.70
CA THR A 130 10.83 -3.30 15.92
C THR A 130 10.47 -2.65 14.58
N ALA A 131 9.49 -3.22 13.90
CA ALA A 131 9.07 -2.62 12.58
C ALA A 131 8.41 -1.26 12.82
N LEU A 132 7.48 -1.19 13.76
CA LEU A 132 6.72 0.00 14.06
C LEU A 132 7.62 1.15 14.47
N LYS A 133 8.53 0.91 15.41
CA LYS A 133 9.49 1.90 15.88
C LYS A 133 10.57 2.23 14.86
N GLY A 134 10.77 1.33 13.89
CA GLY A 134 11.62 1.59 12.77
C GLY A 134 11.06 2.61 11.80
N LEU A 135 9.73 2.70 11.72
CA LEU A 135 9.02 3.71 10.88
C LEU A 135 8.77 4.99 11.63
N ASN A 136 8.46 4.88 12.93
CA ASN A 136 8.16 6.02 13.74
C ASN A 136 8.60 5.73 15.17
N ARG A 137 9.77 6.25 15.52
CA ARG A 137 10.38 5.98 16.85
C ARG A 137 9.57 6.47 18.02
N ARG A 138 8.57 7.31 17.80
CA ARG A 138 7.73 7.80 18.88
C ARG A 138 6.45 6.99 19.17
N VAL A 139 6.16 6.01 18.32
CA VAL A 139 4.94 5.20 18.53
C VAL A 139 5.09 4.34 19.75
N GLU A 140 3.98 4.13 20.44
CA GLU A 140 3.97 3.21 21.57
C GLU A 140 3.31 1.93 21.05
N VAL A 141 3.88 0.80 21.43
CA VAL A 141 3.44 -0.50 20.94
C VAL A 141 3.40 -1.46 22.09
N ASP A 142 2.24 -2.05 22.30
CA ASP A 142 2.05 -3.05 23.38
C ASP A 142 1.43 -4.29 22.70
N SER A 143 1.97 -5.46 22.97
CA SER A 143 1.55 -6.69 22.29
C SER A 143 0.99 -7.69 23.25
N LEU A 144 0.08 -8.52 22.77
CA LEU A 144 -0.61 -9.51 23.62
C LEU A 144 -0.65 -10.85 22.85
N ALA A 145 -0.14 -11.92 23.45
CA ALA A 145 -0.17 -13.25 22.85
C ALA A 145 -1.58 -13.85 23.06
N CYS A 146 -2.11 -14.46 22.01
CA CYS A 146 -3.49 -14.97 22.01
C CYS A 146 -3.47 -16.43 21.54
N PRO A 147 -2.82 -17.35 22.30
CA PRO A 147 -2.61 -18.72 21.82
C PRO A 147 -3.87 -19.47 21.54
N LYS A 148 -5.01 -19.06 22.11
CA LYS A 148 -6.28 -19.77 21.82
C LYS A 148 -6.93 -19.44 20.48
N PHE A 149 -6.58 -18.31 19.88
CA PHE A 149 -7.28 -17.82 18.72
C PHE A 149 -7.09 -18.73 17.54
N VAL A 150 -5.86 -19.16 17.26
CA VAL A 150 -5.67 -20.02 16.09
C VAL A 150 -6.46 -21.33 16.22
N SER A 151 -6.54 -21.89 17.43
N SER A 151 -6.50 -21.86 17.43
CA SER A 151 -7.29 -23.13 17.64
CA SER A 151 -7.24 -23.06 17.73
C SER A 151 -8.75 -22.94 17.32
C SER A 151 -8.70 -22.92 17.35
N VAL A 152 -9.30 -21.79 17.71
CA VAL A 152 -10.72 -21.54 17.47
C VAL A 152 -10.97 -21.35 15.94
N VAL A 153 -10.03 -20.70 15.30
CA VAL A 153 -10.17 -20.48 13.84
C VAL A 153 -10.02 -21.80 13.07
N GLU A 154 -8.94 -22.54 13.34
CA GLU A 154 -8.68 -23.78 12.63
C GLU A 154 -9.79 -24.85 12.84
N SER A 155 -10.41 -24.84 14.02
N SER A 155 -10.42 -24.83 14.01
CA SER A 155 -11.54 -25.72 14.28
CA SER A 155 -11.56 -25.71 14.27
C SER A 155 -12.87 -25.27 13.67
C SER A 155 -12.84 -25.33 13.53
N GLY A 156 -12.85 -24.14 12.95
CA GLY A 156 -14.04 -23.61 12.31
C GLY A 156 -15.09 -23.07 13.27
N GLU A 157 -14.70 -22.68 14.47
N GLU A 157 -14.65 -22.70 14.48
CA GLU A 157 -15.68 -22.19 15.44
CA GLU A 157 -15.56 -22.22 15.55
C GLU A 157 -15.55 -20.68 15.67
C GLU A 157 -15.57 -20.69 15.65
N TYR A 158 -15.04 -20.00 14.64
CA TYR A 158 -14.74 -18.54 14.76
C TYR A 158 -15.93 -17.62 14.74
N LYS A 159 -17.13 -18.16 14.53
CA LYS A 159 -18.36 -17.36 14.63
C LYS A 159 -19.19 -17.74 15.83
N SER A 160 -18.72 -18.70 16.62
CA SER A 160 -19.53 -19.30 17.70
C SER A 160 -19.48 -18.57 19.05
N ALA A 161 -20.31 -19.03 19.97
CA ALA A 161 -20.29 -18.53 21.32
C ALA A 161 -18.92 -18.74 21.99
N ILE A 162 -18.26 -19.85 21.70
CA ILE A 162 -16.91 -20.08 22.24
C ILE A 162 -15.93 -19.05 21.74
N ALA A 163 -16.04 -18.67 20.47
CA ALA A 163 -15.17 -17.64 19.93
C ALA A 163 -15.37 -16.33 20.67
N LYS A 164 -16.62 -16.00 20.94
CA LYS A 164 -16.95 -14.77 21.61
C LYS A 164 -16.36 -14.79 23.03
N LYS A 165 -16.46 -15.91 23.73
CA LYS A 165 -15.89 -16.04 25.07
C LYS A 165 -14.36 -15.94 25.08
N VAL A 166 -13.70 -16.63 24.16
CA VAL A 166 -12.23 -16.64 24.08
C VAL A 166 -11.69 -15.25 23.74
N VAL A 167 -12.37 -14.55 22.84
CA VAL A 167 -11.96 -13.18 22.53
C VAL A 167 -12.08 -12.27 23.75
N ALA A 168 -13.23 -12.28 24.41
CA ALA A 168 -13.47 -11.43 25.58
C ALA A 168 -12.45 -11.68 26.67
N GLU A 169 -12.13 -12.95 26.88
CA GLU A 169 -11.18 -13.29 27.95
C GLU A 169 -9.75 -12.90 27.59
N SER A 170 -9.36 -13.07 26.33
CA SER A 170 -8.02 -12.74 25.93
C SER A 170 -7.81 -11.23 25.78
N LEU A 171 -8.88 -10.49 25.43
CA LEU A 171 -8.66 -9.09 25.07
C LEU A 171 -8.95 -8.06 26.19
N LEU A 172 -9.52 -8.53 27.29
CA LEU A 172 -9.89 -7.67 28.41
C LEU A 172 -8.76 -6.71 28.80
N PRO A 173 -7.51 -7.19 28.89
CA PRO A 173 -6.41 -6.25 29.21
C PRO A 173 -6.30 -5.00 28.34
N LEU A 174 -6.59 -5.12 27.05
CA LEU A 174 -6.53 -3.94 26.20
C LEU A 174 -7.42 -2.80 26.68
N LYS A 175 -8.51 -3.14 27.36
CA LYS A 175 -9.42 -2.13 27.86
C LYS A 175 -8.83 -1.30 28.98
N SER A 176 -7.70 -1.74 29.54
CA SER A 176 -6.97 -0.95 30.54
C SER A 176 -6.01 0.07 29.93
N THR A 177 -5.91 0.08 28.61
CA THR A 177 -4.99 0.97 27.92
C THR A 177 -5.77 2.06 27.19
N LYS A 178 -5.03 2.98 26.59
CA LYS A 178 -5.60 4.01 25.72
C LYS A 178 -5.33 3.72 24.25
N ILE A 179 -4.95 2.47 23.95
CA ILE A 179 -4.66 2.06 22.61
C ILE A 179 -5.86 2.31 21.73
N ASP A 180 -5.66 2.87 20.53
CA ASP A 180 -6.77 3.24 19.65
C ASP A 180 -6.75 2.45 18.33
N THR A 181 -5.78 1.56 18.16
CA THR A 181 -5.58 0.82 16.93
C THR A 181 -4.97 -0.51 17.37
N VAL A 182 -5.51 -1.61 16.88
CA VAL A 182 -5.02 -2.95 17.17
C VAL A 182 -4.73 -3.70 15.87
N ILE A 183 -3.48 -4.13 15.70
CA ILE A 183 -3.06 -4.92 14.57
C ILE A 183 -3.37 -6.38 14.83
N LEU A 184 -4.03 -6.97 13.85
CA LEU A 184 -4.26 -8.43 13.88
C LEU A 184 -2.99 -9.06 13.34
N GLY A 185 -2.09 -9.32 14.26
CA GLY A 185 -0.70 -9.77 13.96
C GLY A 185 -0.50 -11.27 13.86
N CYS A 186 -1.59 -11.93 13.54
CA CYS A 186 -1.63 -13.30 13.07
C CYS A 186 -2.66 -13.28 11.96
N THR A 187 -2.35 -13.91 10.83
CA THR A 187 -3.21 -13.86 9.68
C THR A 187 -4.50 -14.63 9.87
N HIS A 188 -4.57 -15.50 10.90
CA HIS A 188 -5.82 -16.12 11.20
C HIS A 188 -6.84 -15.19 11.81
N TYR A 189 -6.37 -14.14 12.47
CA TYR A 189 -7.25 -13.34 13.34
C TYR A 189 -8.33 -12.56 12.69
N PRO A 190 -8.19 -12.16 11.39
CA PRO A 190 -9.29 -11.47 10.82
C PRO A 190 -10.56 -12.32 10.70
N LEU A 191 -10.47 -13.65 10.79
CA LEU A 191 -11.69 -14.46 10.88
C LEU A 191 -12.52 -14.22 12.12
N LEU A 192 -11.89 -13.62 13.15
CA LEU A 192 -12.51 -13.22 14.34
C LEU A 192 -12.82 -11.74 14.42
N LYS A 193 -12.59 -11.00 13.35
CA LYS A 193 -12.58 -9.54 13.46
C LYS A 193 -13.95 -8.99 13.92
N PRO A 194 -15.06 -9.58 13.47
CA PRO A 194 -16.36 -9.03 13.86
C PRO A 194 -16.52 -9.09 15.38
N ILE A 195 -16.08 -10.17 15.95
CA ILE A 195 -16.13 -10.38 17.39
C ILE A 195 -15.18 -9.44 18.12
N ILE A 196 -13.95 -9.34 17.62
CA ILE A 196 -12.99 -8.41 18.23
C ILE A 196 -13.50 -6.95 18.26
N GLU A 197 -14.04 -6.51 17.13
CA GLU A 197 -14.61 -5.18 16.99
C GLU A 197 -15.79 -4.94 17.88
N ASN A 198 -16.69 -5.91 17.95
N ASN A 198 -16.68 -5.91 17.98
CA ASN A 198 -17.83 -5.85 18.88
CA ASN A 198 -17.79 -5.76 18.90
C ASN A 198 -17.37 -5.72 20.36
C ASN A 198 -17.31 -5.64 20.37
N PHE A 199 -16.28 -6.40 20.70
CA PHE A 199 -15.73 -6.37 22.06
C PHE A 199 -15.07 -5.02 22.33
N MSE A 200 -14.26 -4.54 21.41
CA MSE A 200 -13.40 -3.36 21.68
C MSE A 200 -14.17 -2.05 21.50
O MSE A 200 -13.86 -1.04 22.14
CB MSE A 200 -12.15 -3.35 20.80
CG MSE A 200 -11.14 -4.44 21.08
SE MSE A 200 -10.64 -4.54 22.94
CE MSE A 200 -9.92 -2.71 23.19
N GLY A 201 -15.19 -2.07 20.63
CA GLY A 201 -16.07 -0.94 20.46
C GLY A 201 -15.51 -0.01 19.42
N ASP A 202 -16.24 1.06 19.14
CA ASP A 202 -15.99 1.94 17.98
C ASP A 202 -14.77 2.85 18.13
N GLY A 203 -14.19 2.93 19.33
CA GLY A 203 -13.03 3.78 19.57
C GLY A 203 -11.70 3.13 19.20
N VAL A 204 -11.73 1.87 18.78
CA VAL A 204 -10.51 1.12 18.45
C VAL A 204 -10.54 0.62 17.00
N ALA A 205 -9.55 1.03 16.20
CA ALA A 205 -9.48 0.60 14.81
C ALA A 205 -8.81 -0.76 14.77
N VAL A 206 -9.48 -1.79 14.28
CA VAL A 206 -8.90 -3.15 14.23
C VAL A 206 -8.39 -3.39 12.85
N ILE A 207 -7.10 -3.66 12.71
CA ILE A 207 -6.42 -3.71 11.44
C ILE A 207 -6.22 -5.15 10.91
N ASN A 208 -6.82 -5.44 9.76
CA ASN A 208 -6.57 -6.65 8.99
C ASN A 208 -5.54 -6.20 8.00
N SER A 209 -4.34 -6.77 8.02
CA SER A 209 -3.28 -6.30 7.18
C SER A 209 -3.35 -6.84 5.75
N GLY A 210 -4.38 -7.61 5.47
CA GLY A 210 -4.52 -8.18 4.15
C GLY A 210 -4.61 -7.20 3.06
N GLU A 211 -5.36 -6.12 3.26
CA GLU A 211 -5.50 -5.12 2.21
C GLU A 211 -4.14 -4.51 1.85
N GLU A 212 -3.37 -4.13 2.86
CA GLU A 212 -2.07 -3.50 2.62
C GLU A 212 -1.07 -4.48 2.00
N THR A 213 -1.12 -5.75 2.41
CA THR A 213 -0.27 -6.77 1.83
C THR A 213 -0.61 -6.94 0.34
N ALA A 214 -1.90 -7.05 0.03
CA ALA A 214 -2.31 -7.19 -1.39
C ALA A 214 -1.95 -5.99 -2.19
N SER A 215 -1.99 -4.76 -1.64
N SER A 215 -2.01 -4.79 -1.59
CA SER A 215 -1.54 -3.61 -2.41
CA SER A 215 -1.58 -3.58 -2.24
C SER A 215 -0.02 -3.70 -2.70
C SER A 215 -0.06 -3.68 -2.64
N GLU A 216 0.73 -4.21 -1.74
CA GLU A 216 2.16 -4.40 -1.97
C GLU A 216 2.44 -5.44 -3.06
N VAL A 217 1.67 -6.51 -3.10
CA VAL A 217 1.75 -7.49 -4.16
C VAL A 217 1.50 -6.78 -5.49
N SER A 218 0.42 -5.99 -5.59
CA SER A 218 0.11 -5.31 -6.83
C SER A 218 1.29 -4.38 -7.22
N ALA A 219 1.78 -3.62 -6.25
CA ALA A 219 2.83 -2.66 -6.51
C ALA A 219 4.11 -3.34 -7.03
N LEU A 220 4.47 -4.45 -6.40
CA LEU A 220 5.72 -5.15 -6.79
C LEU A 220 5.55 -5.83 -8.16
N LEU A 221 4.38 -6.41 -8.43
CA LEU A 221 4.15 -7.01 -9.74
C LEU A 221 4.23 -5.96 -10.78
N ASP A 222 3.68 -4.80 -10.54
CA ASP A 222 3.76 -3.77 -11.57
C ASP A 222 5.19 -3.26 -11.76
N TYR A 223 5.87 -3.07 -10.64
CA TYR A 223 7.24 -2.54 -10.61
C TYR A 223 8.17 -3.43 -11.41
N HIS A 224 8.01 -4.73 -11.23
CA HIS A 224 8.87 -5.72 -11.90
C HIS A 224 8.34 -6.25 -13.22
N ASN A 225 7.30 -5.64 -13.72
CA ASN A 225 6.70 -6.05 -14.96
C ASN A 225 6.24 -7.49 -15.02
N LEU A 226 5.52 -7.86 -13.98
CA LEU A 226 5.11 -9.22 -13.74
C LEU A 226 3.59 -9.36 -13.68
N LEU A 227 2.82 -8.31 -13.95
CA LEU A 227 1.36 -8.46 -13.93
C LEU A 227 0.92 -9.43 -15.07
N ASP A 228 -0.10 -10.23 -14.79
CA ASP A 228 -0.60 -11.12 -15.80
C ASP A 228 -1.26 -10.31 -16.87
N ALA A 229 -1.07 -10.68 -18.11
CA ALA A 229 -1.62 -9.94 -19.25
C ALA A 229 -2.42 -10.83 -20.20
N THR A 230 -2.88 -11.98 -19.72
N THR A 230 -2.84 -12.01 -19.75
CA THR A 230 -3.52 -13.00 -20.54
CA THR A 230 -3.57 -12.95 -20.62
C THR A 230 -5.02 -13.18 -20.26
C THR A 230 -5.04 -13.15 -20.28
N ASP A 231 -5.76 -13.66 -21.24
CA ASP A 231 -7.19 -14.01 -21.08
C ASP A 231 -7.35 -15.47 -20.64
N GLU A 232 -6.25 -16.13 -20.26
CA GLU A 232 -6.36 -17.57 -19.95
C GLU A 232 -7.22 -17.77 -18.73
N GLU A 233 -7.95 -18.88 -18.67
CA GLU A 233 -8.85 -19.14 -17.56
C GLU A 233 -8.05 -19.24 -16.27
N ILE A 234 -8.50 -18.53 -15.27
CA ILE A 234 -7.83 -18.56 -13.98
C ILE A 234 -8.08 -19.90 -13.28
N GLU A 235 -7.01 -20.55 -12.80
CA GLU A 235 -7.15 -21.86 -12.15
C GLU A 235 -6.44 -21.84 -10.82
N HIS A 236 -7.10 -21.35 -9.77
CA HIS A 236 -6.43 -21.24 -8.48
C HIS A 236 -6.23 -22.64 -7.93
N ARG A 237 -5.22 -22.82 -7.07
CA ARG A 237 -4.97 -24.14 -6.49
C ARG A 237 -4.65 -23.93 -5.05
N PHE A 238 -5.34 -24.72 -4.23
CA PHE A 238 -5.11 -24.74 -2.76
C PHE A 238 -4.57 -26.12 -2.36
N PHE A 239 -3.58 -26.09 -1.46
CA PHE A 239 -2.91 -27.25 -0.98
C PHE A 239 -2.87 -27.21 0.52
N THR A 240 -3.11 -28.35 1.14
CA THR A 240 -3.03 -28.46 2.57
C THR A 240 -2.36 -29.70 3.01
N THR A 241 -1.67 -29.64 4.14
CA THR A 241 -1.09 -30.87 4.69
C THR A 241 -2.06 -31.59 5.65
N GLY A 242 -3.23 -30.99 5.87
CA GLY A 242 -4.29 -31.61 6.63
C GLY A 242 -5.41 -32.11 5.74
N SER A 243 -6.61 -32.12 6.31
CA SER A 243 -7.82 -32.62 5.65
C SER A 243 -8.39 -31.59 4.66
N THR A 244 -8.75 -32.02 3.47
CA THR A 244 -9.25 -31.08 2.48
C THR A 244 -10.67 -30.55 2.82
N GLN A 245 -11.50 -31.39 3.42
CA GLN A 245 -12.88 -30.96 3.67
C GLN A 245 -12.90 -29.86 4.69
N ILE A 246 -12.16 -29.99 5.78
CA ILE A 246 -12.25 -28.90 6.72
C ILE A 246 -11.63 -27.62 6.17
N PHE A 247 -10.52 -27.71 5.46
CA PHE A 247 -10.01 -26.53 4.75
C PHE A 247 -11.06 -25.88 3.81
N LYS A 248 -11.71 -26.69 2.99
CA LYS A 248 -12.71 -26.18 2.07
C LYS A 248 -13.86 -25.50 2.79
N ASP A 249 -14.28 -26.07 3.91
CA ASP A 249 -15.42 -25.52 4.68
C ASP A 249 -15.10 -24.12 5.17
N ILE A 250 -13.86 -23.91 5.59
CA ILE A 250 -13.46 -22.58 6.08
C ILE A 250 -13.21 -21.65 4.90
N ALA A 251 -12.46 -22.12 3.91
CA ALA A 251 -12.07 -21.32 2.77
C ALA A 251 -13.25 -20.84 1.95
N LYS A 252 -14.22 -21.73 1.75
CA LYS A 252 -15.45 -21.37 1.05
C LYS A 252 -16.31 -20.36 1.81
N ASP A 253 -16.26 -20.39 3.14
CA ASP A 253 -16.89 -19.35 3.96
C ASP A 253 -16.22 -17.99 3.81
N TRP A 254 -14.91 -17.97 3.94
CA TRP A 254 -14.15 -16.72 3.92
C TRP A 254 -14.06 -16.10 2.52
N LEU A 255 -13.82 -16.92 1.50
N LEU A 255 -13.79 -16.91 1.51
CA LEU A 255 -13.68 -16.44 0.11
CA LEU A 255 -13.58 -16.43 0.15
C LEU A 255 -14.94 -16.49 -0.77
C LEU A 255 -14.81 -16.34 -0.76
N ASN A 256 -15.99 -17.17 -0.40
N ASN A 256 -15.87 -17.10 -0.52
CA ASN A 256 -17.05 -17.17 -1.41
CA ASN A 256 -16.92 -17.12 -1.56
C ASN A 256 -16.51 -17.66 -2.75
C ASN A 256 -16.32 -17.56 -2.92
N MSE A 257 -16.03 -18.89 -2.77
N MSE A 257 -16.08 -18.85 -3.01
CA MSE A 257 -15.51 -19.49 -3.98
CA MSE A 257 -15.50 -19.47 -4.16
C MSE A 257 -16.01 -20.93 -3.98
C MSE A 257 -15.99 -20.91 -4.08
O MSE A 257 -15.30 -21.85 -3.57
O MSE A 257 -15.24 -21.81 -3.68
CB MSE A 257 -13.98 -19.41 -4.00
CB MSE A 257 -13.98 -19.38 -4.12
CG MSE A 257 -13.33 -20.03 -5.22
CG MSE A 257 -13.28 -20.05 -5.29
SE MSE A 257 -11.39 -19.86 -5.16
SE MSE A 257 -11.33 -19.91 -5.20
CE MSE A 257 -11.25 -17.92 -4.99
CE MSE A 257 -11.17 -17.97 -5.04
N PRO A 258 -17.27 -21.13 -4.40
CA PRO A 258 -17.91 -22.45 -4.31
C PRO A 258 -17.20 -23.62 -5.00
N ASP A 259 -16.44 -23.35 -6.06
CA ASP A 259 -15.88 -24.42 -6.90
C ASP A 259 -14.36 -24.58 -6.72
N MSE A 260 -13.92 -24.41 -5.49
CA MSE A 260 -12.51 -24.43 -5.17
C MSE A 260 -11.82 -25.79 -5.31
O MSE A 260 -12.39 -26.82 -4.96
CB MSE A 260 -12.41 -23.99 -3.71
CG MSE A 260 -11.06 -23.72 -3.33
SE MSE A 260 -11.24 -23.24 -1.41
CE MSE A 260 -12.26 -21.57 -1.62
N THR A 261 -10.60 -25.78 -5.85
CA THR A 261 -9.77 -26.99 -5.94
C THR A 261 -8.80 -27.05 -4.75
N VAL A 262 -8.98 -28.05 -3.90
CA VAL A 262 -8.21 -28.21 -2.64
C VAL A 262 -7.70 -29.62 -2.61
N GLU A 263 -6.37 -29.76 -2.50
N GLU A 263 -6.38 -29.78 -2.53
CA GLU A 263 -5.70 -31.04 -2.52
CA GLU A 263 -5.81 -31.11 -2.43
C GLU A 263 -4.87 -31.23 -1.27
C GLU A 263 -4.90 -31.23 -1.24
N HIS A 264 -4.74 -32.47 -0.81
CA HIS A 264 -3.87 -32.80 0.29
C HIS A 264 -2.49 -33.14 -0.26
N ILE A 265 -1.47 -32.68 0.41
CA ILE A 265 -0.07 -32.96 0.09
C ILE A 265 0.69 -33.35 1.32
N LYS A 266 1.85 -33.97 1.11
CA LYS A 266 2.76 -34.27 2.20
C LYS A 266 4.03 -33.45 2.04
N LEU A 267 4.45 -32.79 3.11
CA LEU A 267 5.80 -32.16 3.24
C LEU A 267 6.69 -32.81 4.32
N GLY A 268 7.99 -32.51 4.29
CA GLY A 268 8.89 -32.78 5.42
C GLY A 268 9.29 -34.23 5.50
N MSE B 4 24.83 5.93 6.61
N MSE B 4 25.41 6.01 5.59
CA MSE B 4 25.01 7.31 6.04
CA MSE B 4 25.15 7.44 5.90
C MSE B 4 23.72 7.83 5.40
C MSE B 4 23.83 7.93 5.28
O MSE B 4 23.19 7.20 4.48
O MSE B 4 23.35 7.38 4.28
CB MSE B 4 26.13 7.31 5.02
CB MSE B 4 26.32 8.30 5.42
CG MSE B 4 26.67 8.69 4.72
CG MSE B 4 26.39 9.67 6.04
SE MSE B 4 28.59 8.57 4.49
SE MSE B 4 25.77 11.02 4.79
CE MSE B 4 28.65 7.01 3.33
CE MSE B 4 24.88 9.88 3.47
N LYS B 5 23.25 8.99 5.87
CA LYS B 5 21.88 9.46 5.56
C LYS B 5 21.62 10.07 4.15
N GLN B 6 20.76 9.43 3.37
CA GLN B 6 20.44 9.89 2.01
C GLN B 6 18.97 10.25 1.94
N ALA B 7 18.63 11.19 1.04
CA ALA B 7 17.27 11.71 0.97
C ALA B 7 16.41 10.89 0.07
N ILE B 8 15.11 11.02 0.24
CA ILE B 8 14.20 10.62 -0.77
C ILE B 8 14.05 11.84 -1.69
N GLY B 9 14.25 11.67 -2.99
CA GLY B 9 14.08 12.76 -3.95
C GLY B 9 12.66 12.85 -4.50
N PHE B 10 12.20 14.08 -4.73
CA PHE B 10 10.93 14.35 -5.35
C PHE B 10 11.14 15.37 -6.44
N ILE B 11 10.67 15.10 -7.64
CA ILE B 11 10.74 16.11 -8.72
C ILE B 11 9.34 16.46 -9.25
N ASP B 12 9.11 17.71 -9.64
CA ASP B 12 7.80 18.16 -10.06
C ASP B 12 8.00 19.40 -10.90
N SER B 13 7.01 19.73 -11.70
CA SER B 13 7.09 20.98 -12.44
C SER B 13 6.84 22.19 -11.55
N GLY B 14 6.35 21.99 -10.35
CA GLY B 14 6.01 23.11 -9.52
C GLY B 14 5.75 22.73 -8.10
N VAL B 15 4.64 23.20 -7.54
CA VAL B 15 4.39 23.04 -6.10
C VAL B 15 3.40 21.92 -5.79
N GLY B 16 2.68 21.39 -6.78
CA GLY B 16 1.74 20.31 -6.54
C GLY B 16 2.30 19.11 -5.79
N GLY B 17 3.55 18.76 -6.11
CA GLY B 17 4.19 17.60 -5.57
C GLY B 17 4.41 17.67 -4.08
N LEU B 18 4.28 18.86 -3.53
CA LEU B 18 4.39 19.02 -2.08
C LEU B 18 3.23 18.28 -1.37
N THR B 19 2.10 18.01 -2.04
CA THR B 19 1.07 17.23 -1.38
C THR B 19 1.51 15.78 -1.19
N VAL B 20 2.45 15.29 -2.03
CA VAL B 20 3.01 13.94 -1.86
C VAL B 20 4.02 13.96 -0.71
N VAL B 21 4.84 15.02 -0.67
CA VAL B 21 5.75 15.22 0.43
C VAL B 21 5.01 15.25 1.75
N ARG B 22 3.86 15.91 1.83
CA ARG B 22 3.15 15.96 3.07
C ARG B 22 2.87 14.56 3.65
N GLU B 23 2.50 13.64 2.78
CA GLU B 23 2.18 12.29 3.22
C GLU B 23 3.45 11.50 3.56
N VAL B 24 4.55 11.80 2.91
CA VAL B 24 5.83 11.20 3.27
C VAL B 24 6.26 11.68 4.65
N LEU B 25 6.05 12.97 4.93
CA LEU B 25 6.40 13.45 6.26
C LEU B 25 5.62 12.71 7.34
N LYS B 26 4.35 12.40 7.08
CA LYS B 26 3.53 11.69 8.02
C LYS B 26 3.94 10.24 8.18
N GLN B 27 4.10 9.55 7.06
CA GLN B 27 4.29 8.10 7.09
C GLN B 27 5.73 7.66 7.31
N LEU B 28 6.66 8.53 7.00
CA LEU B 28 8.11 8.26 7.02
C LEU B 28 8.80 9.40 7.74
N PRO B 29 8.46 9.59 9.03
CA PRO B 29 9.04 10.74 9.75
C PRO B 29 10.55 10.73 9.92
N HIS B 30 11.18 9.58 9.77
CA HIS B 30 12.63 9.51 9.82
C HIS B 30 13.38 9.89 8.57
N GLU B 31 12.69 10.11 7.46
CA GLU B 31 13.37 10.25 6.19
C GLU B 31 13.49 11.74 5.77
N GLN B 32 14.66 12.06 5.27
CA GLN B 32 14.93 13.34 4.73
C GLN B 32 14.41 13.45 3.32
N VAL B 33 13.83 14.60 2.97
N VAL B 33 13.90 14.64 2.98
CA VAL B 33 13.31 14.81 1.62
CA VAL B 33 13.26 14.93 1.69
C VAL B 33 14.06 15.93 0.92
C VAL B 33 14.08 15.95 0.93
N TYR B 34 14.33 15.69 -0.35
CA TYR B 34 14.88 16.69 -1.26
C TYR B 34 13.84 16.82 -2.34
N TYR B 35 13.34 18.04 -2.50
CA TYR B 35 12.28 18.35 -3.41
C TYR B 35 12.69 19.41 -4.40
N LEU B 36 12.44 19.15 -5.66
CA LEU B 36 12.78 20.11 -6.70
C LEU B 36 11.54 20.38 -7.53
N GLY B 37 11.14 21.65 -7.52
CA GLY B 37 10.07 22.11 -8.34
C GLY B 37 10.51 23.03 -9.44
N ASP B 38 10.27 22.66 -10.69
CA ASP B 38 10.76 23.45 -11.85
C ASP B 38 9.77 24.52 -12.28
N THR B 39 9.46 25.39 -11.32
CA THR B 39 8.42 26.39 -11.50
C THR B 39 8.74 27.32 -12.67
N ALA B 40 10.01 27.51 -13.04
CA ALA B 40 10.36 28.43 -14.17
C ALA B 40 9.89 27.90 -15.51
N ARG B 41 9.66 26.59 -15.63
CA ARG B 41 9.26 26.01 -16.92
C ARG B 41 7.88 25.34 -16.87
N CYS B 42 7.18 25.48 -15.75
N CYS B 42 7.17 25.54 -15.77
CA CYS B 42 5.85 24.88 -15.61
CA CYS B 42 5.84 24.98 -15.56
C CYS B 42 4.78 25.73 -16.30
C CYS B 42 4.80 25.76 -16.36
N PRO B 43 3.71 25.11 -16.82
CA PRO B 43 3.40 23.68 -16.76
C PRO B 43 4.11 22.90 -17.86
N TYR B 44 4.29 21.61 -17.60
CA TYR B 44 4.90 20.69 -18.53
C TYR B 44 3.87 20.12 -19.49
N GLY B 45 2.63 20.01 -18.99
CA GLY B 45 1.55 19.34 -19.71
C GLY B 45 1.41 19.66 -21.20
N PRO B 46 1.55 20.94 -21.57
CA PRO B 46 1.42 21.28 -22.97
C PRO B 46 2.70 21.11 -23.82
N ARG B 47 3.80 20.73 -23.20
CA ARG B 47 5.06 20.52 -23.92
C ARG B 47 5.15 19.15 -24.57
N ASP B 48 6.11 19.06 -25.49
CA ASP B 48 6.47 17.84 -26.17
C ASP B 48 6.87 16.74 -25.18
N LYS B 49 6.38 15.51 -25.41
CA LYS B 49 6.74 14.37 -24.55
C LYS B 49 8.26 14.23 -24.46
N GLU B 50 8.95 14.37 -25.60
CA GLU B 50 10.41 14.39 -25.58
C GLU B 50 10.90 15.53 -24.68
N GLU B 51 10.31 16.72 -24.83
CA GLU B 51 10.76 17.86 -24.04
C GLU B 51 10.50 17.63 -22.54
N VAL B 52 9.28 17.24 -22.17
CA VAL B 52 8.96 16.85 -20.79
C VAL B 52 9.97 15.88 -20.24
N ALA B 53 10.31 14.87 -21.05
CA ALA B 53 11.31 13.87 -20.64
C ALA B 53 12.68 14.52 -20.41
N LYS B 54 13.14 15.33 -21.33
CA LYS B 54 14.42 16.06 -21.16
C LYS B 54 14.50 16.89 -19.84
N PHE B 55 13.41 17.59 -19.52
CA PHE B 55 13.39 18.46 -18.34
C PHE B 55 13.39 17.59 -17.10
N THR B 56 12.62 16.51 -17.17
CA THR B 56 12.55 15.60 -16.05
C THR B 56 13.91 14.99 -15.78
N TRP B 57 14.64 14.65 -16.82
CA TRP B 57 16.01 14.14 -16.62
C TRP B 57 16.96 15.17 -16.00
N GLU B 58 16.81 16.45 -16.34
CA GLU B 58 17.65 17.47 -15.75
C GLU B 58 17.39 17.54 -14.23
N MSE B 59 16.12 17.47 -13.82
CA MSE B 59 15.80 17.48 -12.41
C MSE B 59 16.34 16.24 -11.74
O MSE B 59 16.81 16.32 -10.61
CB MSE B 59 14.28 17.52 -12.16
CG MSE B 59 13.67 18.78 -12.60
SE MSE B 59 11.86 19.05 -11.93
CE MSE B 59 10.85 17.87 -13.15
N THR B 60 16.22 15.09 -12.40
CA THR B 60 16.70 13.83 -11.86
C THR B 60 18.19 13.90 -11.58
N ASN B 61 18.92 14.37 -12.57
CA ASN B 61 20.38 14.44 -12.49
C ASN B 61 20.82 15.34 -11.34
N PHE B 62 20.10 16.45 -11.16
CA PHE B 62 20.37 17.39 -10.08
C PHE B 62 20.26 16.70 -8.71
N LEU B 63 19.18 15.95 -8.47
CA LEU B 63 18.98 15.32 -7.18
C LEU B 63 19.93 14.12 -7.01
N VAL B 64 20.19 13.38 -8.07
CA VAL B 64 21.10 12.26 -7.98
C VAL B 64 22.49 12.78 -7.55
N ASP B 65 22.86 13.95 -8.05
CA ASP B 65 24.14 14.57 -7.66
C ASP B 65 24.16 14.96 -6.17
N ARG B 66 22.98 15.25 -5.59
CA ARG B 66 22.85 15.63 -4.17
C ARG B 66 22.82 14.45 -3.18
N GLY B 67 22.57 13.24 -3.68
CA GLY B 67 22.61 12.03 -2.84
C GLY B 67 21.17 11.67 -2.48
N ILE B 68 20.53 10.96 -3.40
CA ILE B 68 19.20 10.41 -3.10
C ILE B 68 19.23 8.89 -3.19
N LYS B 69 18.42 8.25 -2.36
CA LYS B 69 18.33 6.79 -2.37
C LYS B 69 17.09 6.24 -3.08
N MSE B 70 16.19 7.13 -3.42
CA MSE B 70 14.93 6.81 -4.08
C MSE B 70 14.38 8.06 -4.74
O MSE B 70 14.68 9.19 -4.26
CB MSE B 70 13.94 6.28 -3.09
CG MSE B 70 12.67 6.07 -3.73
SE MSE B 70 11.63 4.78 -2.79
CE MSE B 70 10.28 4.80 -4.22
N LEU B 71 13.67 7.91 -5.87
CA LEU B 71 13.11 9.06 -6.59
C LEU B 71 11.60 8.89 -6.79
N VAL B 72 10.87 9.95 -6.50
CA VAL B 72 9.40 10.02 -6.75
C VAL B 72 9.19 11.13 -7.77
N ILE B 73 8.59 10.76 -8.90
CA ILE B 73 8.25 11.70 -9.93
C ILE B 73 6.82 12.15 -9.51
N ALA B 74 6.77 13.29 -8.80
CA ALA B 74 5.56 13.73 -8.03
C ALA B 74 4.71 14.63 -8.81
N CYS B 75 4.46 14.18 -10.03
CA CYS B 75 3.93 14.93 -11.10
C CYS B 75 3.29 13.90 -12.04
N ASN B 76 2.03 14.12 -12.42
CA ASN B 76 1.33 13.20 -13.32
C ASN B 76 1.90 13.24 -14.75
N THR B 77 2.13 14.44 -15.26
N THR B 77 2.17 14.42 -15.28
CA THR B 77 2.63 14.64 -16.62
CA THR B 77 2.61 14.55 -16.68
C THR B 77 4.00 14.01 -16.84
C THR B 77 4.06 14.14 -16.93
N ALA B 78 4.91 14.30 -15.92
CA ALA B 78 6.29 13.80 -15.99
C ALA B 78 6.30 12.29 -15.78
N THR B 79 5.44 11.76 -14.93
CA THR B 79 5.37 10.27 -14.69
C THR B 79 5.03 9.59 -16.02
N ALA B 80 4.00 10.12 -16.67
CA ALA B 80 3.50 9.57 -17.92
C ALA B 80 4.58 9.61 -19.02
N ALA B 81 5.45 10.61 -18.98
CA ALA B 81 6.41 10.85 -20.09
C ALA B 81 7.79 10.21 -19.93
N ALA B 82 8.23 9.94 -18.71
CA ALA B 82 9.65 9.54 -18.52
C ALA B 82 9.89 8.52 -17.41
N LEU B 83 8.86 8.08 -16.70
CA LEU B 83 9.09 7.12 -15.61
C LEU B 83 9.85 5.88 -16.07
N TYR B 84 9.39 5.28 -17.18
CA TYR B 84 9.97 4.03 -17.65
C TYR B 84 11.46 4.20 -17.92
N ASP B 85 11.81 5.24 -18.65
CA ASP B 85 13.22 5.48 -18.99
C ASP B 85 14.13 5.75 -17.77
N ILE B 86 13.63 6.56 -16.84
CA ILE B 86 14.41 6.89 -15.64
C ILE B 86 14.63 5.66 -14.74
N ARG B 87 13.57 4.89 -14.53
CA ARG B 87 13.65 3.64 -13.76
C ARG B 87 14.66 2.69 -14.35
N GLU B 88 14.59 2.51 -15.68
CA GLU B 88 15.54 1.66 -16.39
C GLU B 88 16.98 2.11 -16.19
N LYS B 89 17.23 3.41 -16.30
CA LYS B 89 18.61 3.89 -16.30
C LYS B 89 19.25 4.05 -14.91
N LEU B 90 18.47 4.40 -13.89
CA LEU B 90 19.01 4.62 -12.54
C LEU B 90 19.21 3.33 -11.77
N ASP B 91 20.00 3.36 -10.70
CA ASP B 91 20.18 2.22 -9.81
C ASP B 91 19.49 2.37 -8.48
N ILE B 92 18.56 3.32 -8.40
CA ILE B 92 17.76 3.49 -7.20
C ILE B 92 16.32 3.25 -7.62
N PRO B 93 15.42 2.96 -6.68
CA PRO B 93 14.02 2.80 -6.99
C PRO B 93 13.44 4.15 -7.43
N VAL B 94 12.59 4.08 -8.44
CA VAL B 94 11.93 5.21 -9.02
C VAL B 94 10.43 4.89 -9.17
N ILE B 95 9.59 5.75 -8.66
CA ILE B 95 8.14 5.64 -8.84
C ILE B 95 7.52 6.94 -9.24
N GLY B 96 6.29 6.82 -9.76
CA GLY B 96 5.48 7.98 -10.05
C GLY B 96 4.19 7.83 -9.27
N VAL B 97 3.28 8.76 -9.49
CA VAL B 97 2.06 8.85 -8.70
C VAL B 97 0.84 8.17 -9.33
N ILE B 98 0.94 7.83 -10.62
CA ILE B 98 -0.20 7.25 -11.31
C ILE B 98 -0.53 5.83 -10.86
N GLN B 99 0.45 4.95 -10.86
CA GLN B 99 0.17 3.59 -10.44
C GLN B 99 -0.33 3.53 -8.96
N PRO B 100 0.27 4.33 -8.07
CA PRO B 100 -0.22 4.30 -6.71
C PRO B 100 -1.69 4.79 -6.59
N GLY B 101 -2.04 5.82 -7.35
CA GLY B 101 -3.42 6.34 -7.25
C GLY B 101 -4.41 5.29 -7.84
N SER B 102 -3.97 4.60 -8.88
CA SER B 102 -4.76 3.59 -9.54
C SER B 102 -5.00 2.44 -8.54
N ARG B 103 -3.92 1.93 -7.93
CA ARG B 103 -4.03 0.93 -6.83
C ARG B 103 -4.96 1.32 -5.73
N ALA B 104 -4.85 2.58 -5.29
CA ALA B 104 -5.67 3.05 -4.23
C ALA B 104 -7.14 3.04 -4.61
N ALA B 105 -7.42 3.42 -5.87
CA ALA B 105 -8.81 3.44 -6.34
C ALA B 105 -9.43 2.05 -6.34
N LEU B 106 -8.65 1.07 -6.79
CA LEU B 106 -9.13 -0.28 -6.95
C LEU B 106 -9.36 -0.90 -5.58
N LYS B 107 -8.65 -0.40 -4.57
CA LYS B 107 -8.89 -0.79 -3.18
C LYS B 107 -10.16 -0.18 -2.62
N ALA B 108 -10.41 1.06 -3.00
CA ALA B 108 -11.54 1.83 -2.51
C ALA B 108 -12.88 1.51 -3.18
N THR B 109 -12.85 1.18 -4.47
CA THR B 109 -14.10 1.01 -5.19
C THR B 109 -14.85 -0.23 -4.71
N ARG B 110 -16.18 -0.12 -4.71
CA ARG B 110 -17.08 -1.27 -4.51
C ARG B 110 -17.84 -1.71 -5.76
N ASN B 111 -18.05 -0.80 -6.72
CA ASN B 111 -18.70 -1.14 -7.98
C ASN B 111 -17.83 -1.10 -9.24
N ASN B 112 -16.53 -0.87 -9.06
CA ASN B 112 -15.56 -0.77 -10.15
C ASN B 112 -15.91 0.26 -11.22
N LYS B 113 -16.44 1.40 -10.77
CA LYS B 113 -16.73 2.52 -11.63
C LYS B 113 -15.97 3.68 -11.03
N ILE B 114 -14.95 4.11 -11.76
CA ILE B 114 -13.95 5.04 -11.24
C ILE B 114 -13.91 6.30 -12.14
N GLY B 115 -13.82 7.46 -11.48
CA GLY B 115 -13.55 8.74 -12.16
C GLY B 115 -12.12 9.14 -11.98
N VAL B 116 -11.59 9.85 -12.98
CA VAL B 116 -10.25 10.42 -12.90
C VAL B 116 -10.36 11.90 -13.24
N LEU B 117 -9.93 12.73 -12.30
CA LEU B 117 -9.81 14.18 -12.51
C LEU B 117 -8.36 14.51 -12.77
N GLY B 118 -8.11 15.33 -13.79
CA GLY B 118 -6.76 15.78 -14.08
C GLY B 118 -6.71 16.96 -15.01
N THR B 119 -5.48 17.37 -15.32
CA THR B 119 -5.27 18.33 -16.36
C THR B 119 -5.54 17.70 -17.71
N LEU B 120 -5.74 18.58 -18.69
CA LEU B 120 -6.01 18.12 -20.05
C LEU B 120 -4.89 17.20 -20.50
N GLY B 121 -3.64 17.57 -20.27
CA GLY B 121 -2.51 16.69 -20.64
C GLY B 121 -2.64 15.30 -20.04
N THR B 122 -2.90 15.25 -18.74
CA THR B 122 -2.94 13.98 -18.06
C THR B 122 -4.08 13.11 -18.60
N VAL B 123 -5.25 13.69 -18.67
CA VAL B 123 -6.38 12.94 -19.18
C VAL B 123 -6.14 12.51 -20.63
N GLU B 124 -5.55 13.36 -21.46
CA GLU B 124 -5.34 12.99 -22.87
C GLU B 124 -4.29 11.87 -23.01
N SER B 125 -3.41 11.72 -22.00
CA SER B 125 -2.33 10.73 -22.03
C SER B 125 -2.89 9.31 -21.88
N MSE B 126 -4.10 9.19 -21.33
CA MSE B 126 -4.71 7.92 -20.99
C MSE B 126 -3.92 7.08 -19.99
O MSE B 126 -4.19 5.87 -19.86
CB MSE B 126 -5.01 7.12 -22.26
CG MSE B 126 -5.93 7.91 -23.13
SE MSE B 126 -7.68 8.35 -22.27
CE MSE B 126 -8.27 6.62 -22.49
N ALA B 127 -2.98 7.72 -19.28
CA ALA B 127 -2.11 6.99 -18.35
C ALA B 127 -2.90 6.29 -17.22
N TYR B 128 -3.94 6.91 -16.71
CA TYR B 128 -4.74 6.30 -15.67
C TYR B 128 -5.60 5.11 -16.15
N PRO B 129 -6.34 5.26 -17.26
CA PRO B 129 -7.04 4.13 -17.84
C PRO B 129 -6.09 3.01 -18.16
N THR B 130 -4.90 3.30 -18.68
CA THR B 130 -3.95 2.24 -18.99
C THR B 130 -3.55 1.52 -17.71
N ALA B 131 -3.27 2.29 -16.67
CA ALA B 131 -2.86 1.68 -15.40
C ALA B 131 -4.02 0.86 -14.75
N LEU B 132 -5.19 1.46 -14.66
CA LEU B 132 -6.33 0.81 -14.09
C LEU B 132 -6.74 -0.48 -14.80
N LYS B 133 -6.84 -0.45 -16.14
CA LYS B 133 -7.26 -1.60 -16.88
C LYS B 133 -6.18 -2.69 -16.89
N GLY B 134 -4.96 -2.31 -16.66
CA GLY B 134 -3.85 -3.25 -16.59
C GLY B 134 -3.93 -4.01 -15.25
N LEU B 135 -4.64 -3.48 -14.28
CA LEU B 135 -4.97 -4.20 -13.01
C LEU B 135 -6.33 -4.90 -12.98
N ASN B 136 -7.31 -4.34 -13.68
CA ASN B 136 -8.66 -4.92 -13.72
C ASN B 136 -9.27 -4.47 -15.04
N ARG B 137 -9.29 -5.36 -16.00
CA ARG B 137 -9.74 -5.00 -17.35
C ARG B 137 -11.24 -4.68 -17.39
N ARG B 138 -11.99 -5.05 -16.34
CA ARG B 138 -13.43 -4.80 -16.27
C ARG B 138 -13.80 -3.44 -15.66
N VAL B 139 -12.84 -2.73 -15.08
CA VAL B 139 -13.16 -1.44 -14.43
C VAL B 139 -13.68 -0.44 -15.46
N GLU B 140 -14.65 0.38 -15.06
CA GLU B 140 -15.12 1.46 -15.90
C GLU B 140 -14.48 2.77 -15.45
N VAL B 141 -13.95 3.54 -16.39
CA VAL B 141 -13.13 4.74 -16.05
C VAL B 141 -13.65 5.93 -16.84
N ASP B 142 -14.11 6.98 -16.13
CA ASP B 142 -14.56 8.21 -16.73
C ASP B 142 -13.50 9.25 -16.39
N SER B 143 -12.92 9.86 -17.42
CA SER B 143 -11.88 10.86 -17.23
C SER B 143 -12.45 12.24 -17.48
N LEU B 144 -12.03 13.20 -16.67
CA LEU B 144 -12.55 14.54 -16.77
C LEU B 144 -11.43 15.54 -16.54
N ALA B 145 -11.06 16.30 -17.56
CA ALA B 145 -10.12 17.41 -17.36
C ALA B 145 -10.81 18.57 -16.64
N CYS B 146 -10.05 19.20 -15.75
CA CYS B 146 -10.57 20.20 -14.80
C CYS B 146 -9.56 21.40 -14.85
N PRO B 147 -9.49 22.07 -16.01
CA PRO B 147 -8.45 23.06 -16.26
C PRO B 147 -8.37 24.19 -15.23
N LYS B 148 -9.48 24.54 -14.59
CA LYS B 148 -9.51 25.64 -13.59
C LYS B 148 -8.92 25.31 -12.21
N PHE B 149 -8.81 24.04 -11.87
CA PHE B 149 -8.45 23.69 -10.50
C PHE B 149 -7.03 24.12 -10.07
N VAL B 150 -6.02 23.99 -10.95
CA VAL B 150 -4.66 24.34 -10.55
C VAL B 150 -4.62 25.81 -10.08
N SER B 151 -5.19 26.67 -10.90
CA SER B 151 -5.30 28.12 -10.60
C SER B 151 -5.97 28.39 -9.23
N VAL B 152 -7.08 27.68 -8.97
CA VAL B 152 -7.81 27.86 -7.71
C VAL B 152 -6.96 27.47 -6.52
N VAL B 153 -6.15 26.43 -6.69
CA VAL B 153 -5.31 25.97 -5.63
C VAL B 153 -4.13 26.93 -5.40
N GLU B 154 -3.47 27.34 -6.48
CA GLU B 154 -2.21 28.09 -6.36
C GLU B 154 -2.53 29.50 -5.89
N SER B 155 -3.72 29.99 -6.20
N SER B 155 -3.72 29.98 -6.21
CA SER B 155 -4.15 31.34 -5.77
CA SER B 155 -4.18 31.32 -5.79
C SER B 155 -4.66 31.41 -4.33
C SER B 155 -4.57 31.41 -4.31
N GLY B 156 -4.69 30.26 -3.64
CA GLY B 156 -5.10 30.18 -2.26
C GLY B 156 -6.64 30.20 -2.11
N GLU B 157 -7.37 30.00 -3.19
CA GLU B 157 -8.85 30.06 -3.12
C GLU B 157 -9.52 28.73 -2.83
N TYR B 158 -8.75 27.70 -2.61
CA TYR B 158 -9.26 26.32 -2.52
C TYR B 158 -10.23 25.95 -1.39
N LYS B 159 -10.41 26.84 -0.41
CA LYS B 159 -11.42 26.70 0.64
C LYS B 159 -12.61 27.66 0.48
N SER B 160 -12.55 28.55 -0.51
CA SER B 160 -13.47 29.68 -0.56
C SER B 160 -14.64 29.39 -1.43
N ALA B 161 -15.63 30.29 -1.44
CA ALA B 161 -16.82 30.05 -2.21
C ALA B 161 -16.50 29.87 -3.71
N ILE B 162 -15.45 30.57 -4.15
CA ILE B 162 -14.86 30.35 -5.50
C ILE B 162 -14.59 28.88 -5.84
N ALA B 163 -13.87 28.18 -4.95
CA ALA B 163 -13.59 26.79 -5.13
C ALA B 163 -14.88 25.98 -5.16
N LYS B 164 -15.79 26.31 -4.25
CA LYS B 164 -17.07 25.58 -4.22
C LYS B 164 -17.77 25.67 -5.54
N LYS B 165 -17.83 26.86 -6.10
CA LYS B 165 -18.47 27.03 -7.39
C LYS B 165 -17.73 26.38 -8.53
N VAL B 166 -16.40 26.48 -8.53
CA VAL B 166 -15.62 25.92 -9.62
C VAL B 166 -15.73 24.38 -9.57
N VAL B 167 -15.71 23.82 -8.37
CA VAL B 167 -15.82 22.36 -8.22
C VAL B 167 -17.19 21.87 -8.71
N ALA B 168 -18.23 22.54 -8.24
CA ALA B 168 -19.63 22.23 -8.60
C ALA B 168 -19.85 22.30 -10.12
N GLU B 169 -19.39 23.38 -10.70
CA GLU B 169 -19.43 23.54 -12.14
C GLU B 169 -18.61 22.50 -12.88
N SER B 170 -17.38 22.25 -12.42
CA SER B 170 -16.46 21.35 -13.13
C SER B 170 -16.88 19.89 -13.04
N LEU B 171 -17.43 19.49 -11.90
CA LEU B 171 -17.73 18.06 -11.67
C LEU B 171 -19.18 17.64 -11.90
N LEU B 172 -20.01 18.55 -12.37
CA LEU B 172 -21.42 18.21 -12.56
C LEU B 172 -21.59 17.00 -13.49
N PRO B 173 -20.80 16.90 -14.57
CA PRO B 173 -20.99 15.72 -15.42
C PRO B 173 -20.92 14.36 -14.68
N LEU B 174 -20.07 14.28 -13.65
CA LEU B 174 -19.95 13.03 -12.87
C LEU B 174 -21.21 12.64 -12.12
N LYS B 175 -22.07 13.62 -11.82
CA LYS B 175 -23.32 13.35 -11.15
C LYS B 175 -24.26 12.45 -11.99
N SER B 176 -24.05 12.41 -13.30
CA SER B 176 -24.82 11.55 -14.21
C SER B 176 -24.21 10.16 -14.38
N THR B 177 -23.17 9.84 -13.60
CA THR B 177 -22.62 8.49 -13.57
C THR B 177 -22.89 7.79 -12.22
N LYS B 178 -22.52 6.52 -12.12
CA LYS B 178 -22.63 5.80 -10.86
C LYS B 178 -21.22 5.55 -10.29
N ILE B 179 -20.27 6.40 -10.62
CA ILE B 179 -18.93 6.23 -10.09
C ILE B 179 -18.99 6.26 -8.54
N ASP B 180 -18.21 5.42 -7.87
CA ASP B 180 -18.12 5.42 -6.40
C ASP B 180 -16.75 5.83 -5.87
N THR B 181 -15.87 6.20 -6.80
CA THR B 181 -14.46 6.48 -6.51
C THR B 181 -13.93 7.52 -7.51
N VAL B 182 -13.24 8.56 -7.01
CA VAL B 182 -12.67 9.56 -7.88
C VAL B 182 -11.21 9.74 -7.54
N ILE B 183 -10.35 9.53 -8.53
CA ILE B 183 -8.90 9.78 -8.36
C ILE B 183 -8.59 11.23 -8.61
N LEU B 184 -7.88 11.83 -7.65
CA LEU B 184 -7.32 13.18 -7.87
C LEU B 184 -6.01 13.01 -8.61
N GLY B 185 -6.07 13.09 -9.95
CA GLY B 185 -4.90 12.79 -10.76
C GLY B 185 -4.17 14.04 -11.18
N CYS B 186 -4.10 14.99 -10.26
CA CYS B 186 -3.18 16.13 -10.37
C CYS B 186 -2.75 16.40 -8.92
N THR B 187 -1.45 16.54 -8.69
CA THR B 187 -1.01 16.67 -7.27
C THR B 187 -1.44 17.96 -6.57
N HIS B 188 -1.90 18.97 -7.32
CA HIS B 188 -2.50 20.14 -6.66
C HIS B 188 -3.85 19.81 -6.02
N TYR B 189 -4.52 18.80 -6.55
CA TYR B 189 -5.96 18.68 -6.25
C TYR B 189 -6.34 18.25 -4.81
N PRO B 190 -5.44 17.62 -4.07
CA PRO B 190 -5.77 17.33 -2.66
C PRO B 190 -6.16 18.53 -1.83
N LEU B 191 -5.68 19.73 -2.20
CA LEU B 191 -6.11 20.96 -1.51
C LEU B 191 -7.61 21.18 -1.64
N LEU B 192 -8.23 20.66 -2.71
CA LEU B 192 -9.69 20.78 -2.94
C LEU B 192 -10.49 19.58 -2.38
N LYS B 193 -9.79 18.59 -1.83
CA LYS B 193 -10.46 17.31 -1.51
C LYS B 193 -11.73 17.50 -0.65
N PRO B 194 -11.68 18.31 0.42
CA PRO B 194 -12.91 18.45 1.22
C PRO B 194 -14.10 18.99 0.41
N ILE B 195 -13.81 19.94 -0.48
CA ILE B 195 -14.89 20.55 -1.31
C ILE B 195 -15.37 19.53 -2.35
N ILE B 196 -14.46 18.77 -2.95
CA ILE B 196 -14.86 17.70 -3.85
C ILE B 196 -15.70 16.64 -3.13
N GLU B 197 -15.34 16.27 -1.89
CA GLU B 197 -16.10 15.27 -1.12
C GLU B 197 -17.50 15.71 -0.84
N ASN B 198 -17.64 16.97 -0.50
CA ASN B 198 -18.95 17.57 -0.26
C ASN B 198 -19.81 17.56 -1.50
N PHE B 199 -19.25 17.92 -2.65
CA PHE B 199 -20.01 17.91 -3.89
C PHE B 199 -20.43 16.49 -4.30
N MSE B 200 -19.50 15.55 -4.22
CA MSE B 200 -19.74 14.15 -4.62
C MSE B 200 -20.60 13.39 -3.61
O MSE B 200 -21.33 12.46 -3.98
CB MSE B 200 -18.40 13.44 -4.82
CG MSE B 200 -17.56 13.97 -5.99
SE MSE B 200 -18.57 14.19 -7.68
CE MSE B 200 -19.24 12.33 -7.91
N GLY B 201 -20.52 13.77 -2.33
CA GLY B 201 -21.34 13.13 -1.30
C GLY B 201 -20.71 11.87 -0.73
N ASP B 202 -21.34 11.30 0.30
CA ASP B 202 -20.71 10.26 1.14
C ASP B 202 -20.54 8.89 0.50
N GLY B 203 -21.14 8.69 -0.67
CA GLY B 203 -20.98 7.42 -1.36
C GLY B 203 -19.81 7.34 -2.31
N VAL B 204 -19.04 8.43 -2.40
CA VAL B 204 -17.87 8.49 -3.26
C VAL B 204 -16.60 8.64 -2.44
N ALA B 205 -15.68 7.68 -2.63
CA ALA B 205 -14.31 7.78 -2.14
C ALA B 205 -13.43 8.70 -3.01
N VAL B 206 -12.87 9.77 -2.43
CA VAL B 206 -12.04 10.66 -3.18
C VAL B 206 -10.61 10.32 -2.80
N ILE B 207 -9.80 10.01 -3.79
CA ILE B 207 -8.45 9.52 -3.54
C ILE B 207 -7.36 10.61 -3.70
N ASN B 208 -6.66 10.88 -2.59
CA ASN B 208 -5.40 11.65 -2.57
C ASN B 208 -4.31 10.61 -2.74
N SER B 209 -3.80 10.52 -3.94
CA SER B 209 -2.84 9.49 -4.31
C SER B 209 -1.50 9.69 -3.67
N GLY B 210 -1.30 10.83 -3.00
CA GLY B 210 -0.09 10.99 -2.22
C GLY B 210 0.00 10.03 -1.06
N GLU B 211 -1.14 9.66 -0.50
CA GLU B 211 -1.18 8.70 0.59
C GLU B 211 -0.63 7.32 0.13
N GLU B 212 -1.14 6.78 -0.99
CA GLU B 212 -0.63 5.48 -1.48
C GLU B 212 0.78 5.63 -1.95
N THR B 213 1.13 6.79 -2.54
CA THR B 213 2.48 6.98 -3.01
C THR B 213 3.46 6.84 -1.85
N ALA B 214 3.17 7.54 -0.80
CA ALA B 214 3.96 7.50 0.41
C ALA B 214 4.09 6.10 0.98
N SER B 215 3.01 5.35 0.96
CA SER B 215 3.06 3.95 1.36
C SER B 215 3.98 3.12 0.49
N GLU B 216 3.99 3.34 -0.84
CA GLU B 216 4.85 2.63 -1.70
C GLU B 216 6.28 3.02 -1.49
N VAL B 217 6.59 4.28 -1.18
CA VAL B 217 7.96 4.69 -0.85
C VAL B 217 8.42 3.86 0.37
N SER B 218 7.56 3.83 1.36
CA SER B 218 7.84 3.09 2.61
C SER B 218 8.11 1.60 2.30
N ALA B 219 7.21 0.98 1.48
CA ALA B 219 7.35 -0.37 1.11
C ALA B 219 8.64 -0.67 0.36
N LEU B 220 8.98 0.17 -0.62
CA LEU B 220 10.20 -0.05 -1.39
C LEU B 220 11.46 0.17 -0.61
N LEU B 221 11.48 1.14 0.32
CA LEU B 221 12.61 1.37 1.14
C LEU B 221 12.78 0.12 2.02
N ASP B 222 11.67 -0.38 2.53
CA ASP B 222 11.78 -1.59 3.34
C ASP B 222 12.34 -2.78 2.55
N TYR B 223 11.85 -2.95 1.33
CA TYR B 223 12.22 -4.07 0.47
C TYR B 223 13.71 -4.09 0.28
N HIS B 224 14.29 -2.90 0.15
CA HIS B 224 15.75 -2.75 -0.10
C HIS B 224 16.57 -2.46 1.15
N ASN B 225 15.96 -2.60 2.33
CA ASN B 225 16.59 -2.39 3.60
C ASN B 225 17.21 -0.98 3.74
N LEU B 226 16.44 0.02 3.33
CA LEU B 226 16.90 1.40 3.31
C LEU B 226 16.05 2.33 4.18
N LEU B 227 15.31 1.79 5.15
CA LEU B 227 14.54 2.63 6.08
C LEU B 227 15.41 3.10 7.23
N ASP B 228 15.53 4.41 7.35
CA ASP B 228 16.25 5.00 8.48
C ASP B 228 15.48 4.90 9.77
N ALA B 229 16.22 4.87 10.86
CA ALA B 229 15.68 4.56 12.21
C ALA B 229 15.47 5.81 13.08
N THR B 230 15.94 6.97 12.61
CA THR B 230 15.82 8.17 13.41
C THR B 230 15.64 9.43 12.56
N ASP B 231 14.97 10.43 13.13
CA ASP B 231 14.89 11.74 12.50
C ASP B 231 15.95 12.70 13.04
N GLU B 232 16.87 12.18 13.88
CA GLU B 232 18.00 12.98 14.33
C GLU B 232 18.80 13.46 13.12
N GLU B 233 19.13 14.73 13.09
CA GLU B 233 19.96 15.24 12.02
C GLU B 233 19.30 15.18 10.64
N ILE B 234 17.96 15.20 10.59
CA ILE B 234 17.31 15.33 9.30
C ILE B 234 17.55 16.72 8.78
N GLU B 235 17.84 16.84 7.50
CA GLU B 235 18.03 18.13 6.88
C GLU B 235 17.35 18.10 5.52
N HIS B 236 16.08 18.45 5.50
CA HIS B 236 15.36 18.50 4.25
C HIS B 236 15.87 19.65 3.41
N ARG B 237 15.81 19.51 2.09
CA ARG B 237 16.18 20.61 1.17
C ARG B 237 15.11 20.77 0.10
N PHE B 238 14.72 22.02 -0.13
CA PHE B 238 13.80 22.36 -1.15
C PHE B 238 14.46 23.24 -2.19
N PHE B 239 14.24 22.92 -3.45
CA PHE B 239 14.85 23.61 -4.55
C PHE B 239 13.82 24.03 -5.56
N THR B 240 13.97 25.25 -6.08
CA THR B 240 13.11 25.71 -7.18
C THR B 240 13.86 26.52 -8.21
N THR B 241 13.42 26.43 -9.45
CA THR B 241 13.95 27.27 -10.50
C THR B 241 13.26 28.62 -10.59
N GLY B 242 12.12 28.76 -9.91
CA GLY B 242 11.41 30.05 -9.88
C GLY B 242 11.64 30.83 -8.62
N SER B 243 10.66 31.64 -8.23
CA SER B 243 10.78 32.43 -7.01
C SER B 243 10.86 31.55 -5.77
N THR B 244 11.90 31.73 -4.97
CA THR B 244 11.99 31.02 -3.69
C THR B 244 10.98 31.51 -2.70
N GLN B 245 10.65 32.80 -2.75
CA GLN B 245 9.70 33.32 -1.79
C GLN B 245 8.26 32.84 -2.01
N ILE B 246 7.79 32.83 -3.25
CA ILE B 246 6.45 32.40 -3.51
C ILE B 246 6.35 30.87 -3.17
N PHE B 247 7.41 30.13 -3.49
CA PHE B 247 7.46 28.71 -3.19
C PHE B 247 7.41 28.50 -1.67
N LYS B 248 8.29 29.17 -0.95
CA LYS B 248 8.36 29.02 0.50
C LYS B 248 7.00 29.36 1.15
N ASP B 249 6.38 30.44 0.66
CA ASP B 249 5.09 30.82 1.21
C ASP B 249 4.07 29.68 1.11
N ILE B 250 4.05 29.00 -0.03
CA ILE B 250 3.14 27.89 -0.25
C ILE B 250 3.57 26.71 0.60
N ALA B 251 4.85 26.32 0.48
CA ALA B 251 5.34 25.13 1.17
C ALA B 251 5.29 25.18 2.69
N LYS B 252 5.60 26.33 3.29
CA LYS B 252 5.63 26.39 4.75
C LYS B 252 4.21 26.16 5.30
N ASP B 253 3.20 26.51 4.51
CA ASP B 253 1.81 26.33 4.86
C ASP B 253 1.41 24.87 4.69
N TRP B 254 1.55 24.38 3.47
CA TRP B 254 1.08 23.03 3.18
C TRP B 254 1.80 21.96 4.01
N LEU B 255 3.08 22.15 4.27
CA LEU B 255 3.85 21.21 5.07
C LEU B 255 3.96 21.53 6.58
N ASN B 256 3.36 22.62 7.04
N ASN B 256 3.35 22.62 7.03
CA ASN B 256 3.47 23.07 8.44
CA ASN B 256 3.47 23.08 8.42
C ASN B 256 4.92 23.14 8.90
C ASN B 256 4.92 23.11 8.88
N MSE B 257 5.73 23.84 8.11
CA MSE B 257 7.16 23.87 8.31
C MSE B 257 7.65 25.34 8.26
O MSE B 257 8.22 25.79 7.26
CB MSE B 257 7.77 22.99 7.24
CG MSE B 257 9.13 22.52 7.50
SE MSE B 257 9.51 21.21 6.13
CE MSE B 257 8.76 19.65 6.98
N PRO B 258 7.41 26.10 9.35
CA PRO B 258 7.76 27.52 9.40
C PRO B 258 9.20 27.87 9.09
N ASP B 259 10.15 26.99 9.41
CA ASP B 259 11.57 27.33 9.35
C ASP B 259 12.33 26.81 8.12
N MSE B 260 11.64 26.27 7.15
CA MSE B 260 12.31 25.67 5.99
C MSE B 260 13.15 26.65 5.17
O MSE B 260 12.88 27.83 5.16
CB MSE B 260 11.27 25.08 5.06
CG MSE B 260 10.28 26.10 4.57
SE MSE B 260 9.24 25.18 3.22
CE MSE B 260 10.56 24.78 1.94
N THR B 261 14.13 26.14 4.46
CA THR B 261 14.92 26.97 3.55
C THR B 261 14.61 26.47 2.13
N VAL B 262 14.44 27.42 1.22
CA VAL B 262 14.21 27.11 -0.20
C VAL B 262 15.35 27.73 -0.98
N GLU B 263 15.99 26.91 -1.81
CA GLU B 263 17.15 27.28 -2.60
C GLU B 263 16.73 27.49 -4.05
N HIS B 264 17.24 28.56 -4.63
CA HIS B 264 17.05 28.82 -6.07
C HIS B 264 18.11 28.08 -6.84
N ILE B 265 17.72 27.40 -7.92
CA ILE B 265 18.69 26.69 -8.77
C ILE B 265 18.46 27.02 -10.23
N LYS B 266 19.48 26.73 -11.02
CA LYS B 266 19.46 26.92 -12.46
C LYS B 266 19.51 25.53 -13.09
N LEU B 267 18.57 25.22 -13.98
CA LEU B 267 18.56 24.00 -14.74
C LEU B 267 18.50 24.25 -16.23
N GLY B 268 19.27 23.47 -16.99
CA GLY B 268 19.11 23.40 -18.44
C GLY B 268 19.49 24.67 -19.15
N LYS B 269 18.80 24.91 -20.26
CA LYS B 269 18.96 26.07 -21.17
C LYS B 269 19.74 25.60 -22.38
C1 SIN C . 1.47 -17.06 13.21
O1 SIN C . 2.60 -16.66 13.28
O2 SIN C . 0.70 -16.16 13.31
C2 SIN C . 1.16 -18.58 13.10
C3 SIN C . -0.23 -18.97 13.58
C4 SIN C . -0.04 -20.37 14.09
O3 SIN C . 0.04 -20.58 15.35
O4 SIN C . 0.19 -21.30 13.23
CL CL D . 0.77 -19.34 20.03
C1 SIN E . 2.22 20.21 -15.16
O1 SIN E . 3.44 20.53 -15.24
O2 SIN E . 1.56 20.11 -16.22
C2 SIN E . 1.55 19.93 -13.85
C3 SIN E . 0.23 19.18 -14.08
C4 SIN E . 0.41 17.71 -13.79
O3 SIN E . -0.42 17.07 -13.15
O4 SIN E . 1.45 17.14 -14.20
CL CL F . 5.02 3.89 -10.10
#